data_2HAN
#
_entry.id   2HAN
#
_cell.length_a   46.716
_cell.length_b   59.790
_cell.length_c   65.179
_cell.angle_alpha   90.00
_cell.angle_beta   106.70
_cell.angle_gamma   90.00
#
_symmetry.space_group_name_H-M   'P 1 21 1'
#
loop_
_entity.id
_entity.type
_entity.pdbx_description
1 polymer "5'-D(*CP*AP*AP*GP*GP*GP*TP*TP*CP*AP*AP*TP*GP*CP*AP*CP*TP*TP*GP*T)-3'"
2 polymer "5'-D(*GP*AP*CP*AP*AP*GP*TP*GP*CP*AP*TP*TP*GP*AP*AP*CP*CP*CP*TP*T)-3'"
3 polymer 'Protein ultraspiracle'
4 polymer 'Ecdysone receptor'
5 non-polymer 'ZINC ION'
6 water water
#
loop_
_entity_poly.entity_id
_entity_poly.type
_entity_poly.pdbx_seq_one_letter_code
_entity_poly.pdbx_strand_id
1 'polydeoxyribonucleotide' (DC)(DA)(DA)(DG)(DG)(DG)(DT)(DT)(DC)(DA)(DA)(DT)(DG)(DC)(DA)(DC)(DT)(DT)(DG)(DT) C
2 'polydeoxyribonucleotide' (DG)(DA)(DC)(DA)(DA)(DG)(DT)(DG)(DC)(DA)(DT)(DT)(DG)(DA)(DA)(DC)(DC)(DC)(DT)(DT) D
3 'polypeptide(L)'
;GSNHPLSGSKHLCSICGDRASGKHYGVYSCEGCKGFFKRTVRKDLTYACRENRNCIIDKRQRNRCQYCRYQKCLTCGMKR
EAVQEERQGIHRD
;
A
4 'polypeptide(L)'
;GSAPRVQEELCLVCGDRASGYHYNALTCEGCKGFFRRSVTKSAVYCCKFGRACEMDMYMRRKCQECRLKKCLAVGMRPEC
VVPENQCAMKRREKKAQKEKDKMTTSPSSQHGSPGIHRD
;
B
#
# COMPACT_ATOMS: atom_id res chain seq x y z
N LYS C 10 0.37 7.44 21.22
CA LYS C 10 0.21 8.87 20.98
C LYS C 10 1.19 9.36 19.91
N HIS C 11 2.38 8.78 19.90
CA HIS C 11 3.46 9.27 19.06
C HIS C 11 3.26 8.97 17.56
N LEU C 12 4.06 9.65 16.76
CA LEU C 12 4.12 9.44 15.33
C LEU C 12 5.41 8.72 14.99
N CYS C 13 5.38 7.99 13.89
CA CYS C 13 6.56 7.32 13.37
C CYS C 13 7.47 8.41 12.83
N SER C 14 8.74 8.41 13.25
CA SER C 14 9.61 9.49 12.86
C SER C 14 10.04 9.31 11.41
N ILE C 15 9.94 8.10 10.88
CA ILE C 15 10.27 7.85 9.49
C ILE C 15 9.17 8.31 8.53
N CYS C 16 7.91 7.95 8.81
CA CYS C 16 6.86 8.10 7.80
C CYS C 16 5.65 8.88 8.23
N GLY C 17 5.50 9.17 9.52
CA GLY C 17 4.36 9.95 9.97
C GLY C 17 3.08 9.18 10.20
N ASP C 18 3.12 7.87 9.99
CA ASP C 18 2.02 7.02 10.41
C ASP C 18 1.98 7.00 11.97
N ARG C 19 0.96 6.43 12.55
CA ARG C 19 0.85 6.38 14.00
C ARG C 19 1.96 5.43 14.53
N ALA C 20 2.75 5.86 15.51
CA ALA C 20 3.73 4.96 16.08
C ALA C 20 3.04 3.98 17.04
N SER C 21 3.58 2.77 17.14
CA SER C 21 3.06 1.78 18.07
C SER C 21 3.92 1.79 19.34
N GLY C 22 4.93 2.68 19.37
CA GLY C 22 5.92 2.80 20.43
C GLY C 22 7.31 2.98 19.81
N LYS C 23 8.36 2.90 20.61
CA LYS C 23 9.71 2.87 20.08
C LYS C 23 10.03 1.48 19.59
N HIS C 24 10.82 1.41 18.51
CA HIS C 24 11.40 0.20 17.99
C HIS C 24 12.77 0.46 17.37
N TYR C 25 13.68 -0.43 17.75
CA TYR C 25 15.10 -0.34 17.40
C TYR C 25 15.69 1.03 17.60
N GLY C 26 15.21 1.73 18.60
CA GLY C 26 15.73 3.03 18.99
C GLY C 26 14.85 4.25 18.66
N VAL C 27 13.85 4.09 17.78
CA VAL C 27 13.04 5.24 17.34
C VAL C 27 11.53 5.03 17.41
N TYR C 28 10.78 6.10 17.66
CA TYR C 28 9.35 6.02 17.54
C TYR C 28 8.98 5.66 16.11
N SER C 29 8.25 4.58 15.96
CA SER C 29 7.97 4.05 14.64
C SER C 29 6.72 3.23 14.64
N CYS C 30 6.16 3.09 13.43
CA CYS C 30 4.94 2.35 13.21
C CYS C 30 5.29 0.87 13.01
N GLU C 31 4.27 0.01 13.02
CA GLU C 31 4.51 -1.43 12.85
C GLU C 31 5.05 -1.73 11.46
N GLY C 32 4.63 -0.93 10.49
CA GLY C 32 5.19 -1.03 9.15
C GLY C 32 6.70 -0.87 9.07
N CYS C 33 7.17 0.28 9.55
CA CYS C 33 8.60 0.61 9.47
C CYS C 33 9.40 -0.36 10.38
N LYS C 34 8.87 -0.71 11.56
CA LYS C 34 9.50 -1.77 12.41
C LYS C 34 9.66 -3.06 11.66
N GLY C 35 8.56 -3.52 11.04
CA GLY C 35 8.59 -4.77 10.29
C GLY C 35 9.57 -4.76 9.14
N PHE C 36 9.55 -3.68 8.38
CA PHE C 36 10.41 -3.48 7.24
C PHE C 36 11.89 -3.44 7.67
N PHE C 37 12.21 -2.68 8.71
CA PHE C 37 13.60 -2.61 9.13
C PHE C 37 14.09 -4.02 9.57
N LYS C 38 13.25 -4.68 10.36
CA LYS C 38 13.55 -6.02 10.85
C LYS C 38 13.87 -6.97 9.71
N ARG C 39 13.04 -7.02 8.68
CA ARG C 39 13.25 -7.93 7.53
C ARG C 39 14.52 -7.59 6.78
N THR C 40 14.77 -6.29 6.63
CA THR C 40 15.91 -5.81 5.90
C THR C 40 17.20 -6.28 6.59
N VAL C 41 17.30 -6.03 7.90
CA VAL C 41 18.48 -6.38 8.69
C VAL C 41 18.65 -7.89 8.78
N ARG C 42 17.59 -8.62 9.12
CA ARG C 42 17.60 -10.07 9.26
C ARG C 42 18.13 -10.77 8.04
N LYS C 43 17.64 -10.40 6.86
CA LYS C 43 18.03 -11.08 5.62
C LYS C 43 19.26 -10.43 4.99
N ASP C 44 19.67 -9.30 5.54
CA ASP C 44 20.83 -8.55 5.06
C ASP C 44 20.66 -8.06 3.62
N LEU C 45 19.53 -7.40 3.38
CA LEU C 45 19.15 -7.01 2.05
C LEU C 45 19.72 -5.64 1.76
N THR C 46 20.07 -5.44 0.51
CA THR C 46 20.49 -4.14 0.05
C THR C 46 19.55 -3.77 -1.09
N TYR C 47 19.09 -2.55 -1.05
CA TYR C 47 18.17 -2.11 -2.08
C TYR C 47 18.90 -1.14 -2.99
N ALA C 48 18.28 -0.85 -4.13
CA ALA C 48 18.71 0.19 -5.05
C ALA C 48 17.54 1.13 -5.35
N CYS C 49 17.77 2.44 -5.23
CA CYS C 49 16.77 3.45 -5.62
C CYS C 49 16.72 3.62 -7.14
N ARG C 50 15.49 3.63 -7.68
CA ARG C 50 15.29 3.82 -9.12
C ARG C 50 15.04 5.27 -9.49
N GLU C 51 15.46 6.18 -8.62
CA GLU C 51 15.40 7.61 -8.86
C GLU C 51 16.71 8.27 -8.40
N ASN C 52 16.66 9.19 -7.44
CA ASN C 52 17.86 9.93 -7.01
C ASN C 52 18.20 9.85 -5.53
N ARG C 53 17.75 8.78 -4.87
CA ARG C 53 18.04 8.54 -3.44
C ARG C 53 17.50 9.59 -2.51
N ASN C 54 16.47 10.32 -2.94
CA ASN C 54 15.79 11.29 -2.11
C ASN C 54 14.24 11.16 -2.28
N CYS C 55 13.75 9.94 -2.33
CA CYS C 55 12.31 9.70 -2.55
C CYS C 55 11.52 10.07 -1.31
N ILE C 56 10.26 10.46 -1.54
CA ILE C 56 9.33 10.68 -0.45
C ILE C 56 9.03 9.38 0.27
N ILE C 57 9.20 9.41 1.57
CA ILE C 57 8.81 8.33 2.45
C ILE C 57 7.86 8.91 3.43
N ASP C 58 6.59 8.56 3.27
CA ASP C 58 5.58 8.97 4.25
C ASP C 58 4.52 7.87 4.38
N LYS C 59 3.42 8.14 5.05
CA LYS C 59 2.42 7.11 5.32
C LYS C 59 1.72 6.61 4.06
N ARG C 60 1.75 7.45 3.03
CA ARG C 60 1.09 7.17 1.80
C ARG C 60 1.92 6.36 0.83
N GLN C 61 3.15 6.79 0.59
CA GLN C 61 3.92 6.15 -0.44
C GLN C 61 5.24 5.53 0.04
N ARG C 62 5.35 5.18 1.31
CA ARG C 62 6.57 4.56 1.87
C ARG C 62 6.98 3.27 1.18
N ASN C 63 6.03 2.57 0.57
CA ASN C 63 6.36 1.33 -0.13
C ASN C 63 6.87 1.51 -1.56
N ARG C 64 6.95 2.74 -2.08
CA ARG C 64 7.45 2.92 -3.46
C ARG C 64 8.96 2.75 -3.56
N CYS C 65 9.70 3.04 -2.50
CA CYS C 65 11.17 2.94 -2.55
C CYS C 65 11.79 2.32 -1.30
N GLN C 66 12.16 1.06 -1.44
CA GLN C 66 12.71 0.32 -0.32
C GLN C 66 14.05 0.89 0.12
N TYR C 67 14.88 1.32 -0.83
CA TYR C 67 16.17 2.01 -0.51
C TYR C 67 15.99 3.24 0.31
N CYS C 68 15.10 4.08 -0.14
CA CYS C 68 14.90 5.34 0.53
C CYS C 68 14.26 5.11 1.92
N ARG C 69 13.38 4.15 2.02
CA ARG C 69 12.71 3.85 3.32
C ARG C 69 13.76 3.36 4.33
N TYR C 70 14.63 2.46 3.90
CA TYR C 70 15.69 1.91 4.75
C TYR C 70 16.65 3.01 5.14
N GLN C 71 17.04 3.85 4.19
CA GLN C 71 17.94 4.95 4.53
C GLN C 71 17.32 5.87 5.51
N LYS C 72 16.01 6.09 5.42
CA LYS C 72 15.36 6.98 6.35
C LYS C 72 15.23 6.33 7.70
N CYS C 73 15.04 5.02 7.78
CA CYS C 73 15.06 4.38 9.10
C CYS C 73 16.41 4.67 9.79
N LEU C 74 17.48 4.55 9.03
CA LEU C 74 18.84 4.80 9.55
C LEU C 74 19.04 6.25 10.00
N THR C 75 18.64 7.21 9.16
CA THR C 75 18.83 8.62 9.50
C THR C 75 17.97 9.04 10.68
N CYS C 76 16.84 8.36 10.90
CA CYS C 76 15.98 8.67 12.04
C CYS C 76 16.50 8.10 13.38
N GLY C 77 17.45 7.19 13.31
CA GLY C 77 18.06 6.61 14.50
C GLY C 77 17.94 5.09 14.69
N MET C 78 17.38 4.34 13.74
CA MET C 78 17.17 2.93 13.95
C MET C 78 18.50 2.19 13.93
N LYS C 79 18.65 1.27 14.88
CA LYS C 79 19.92 0.56 15.08
C LYS C 79 19.84 -0.90 14.65
N ARG C 80 20.60 -1.26 13.63
CA ARG C 80 20.76 -2.65 13.16
C ARG C 80 21.05 -3.62 14.32
N GLU C 81 21.81 -3.16 15.30
CA GLU C 81 22.24 -4.00 16.42
C GLU C 81 21.07 -4.34 17.37
N ALA C 82 20.00 -3.55 17.34
CA ALA C 82 18.81 -3.85 18.12
C ALA C 82 17.93 -4.92 17.49
N VAL C 83 18.22 -5.31 16.25
CA VAL C 83 17.51 -6.43 15.63
C VAL C 83 18.20 -7.71 16.09
N GLN C 84 17.46 -8.56 16.81
CA GLN C 84 18.02 -9.80 17.34
C GLN C 84 18.07 -10.88 16.26
N GLU C 85 18.77 -11.96 16.56
CA GLU C 85 18.72 -13.16 15.74
C GLU C 85 17.32 -13.79 15.75
N GLU C 86 16.97 -14.45 14.66
CA GLU C 86 15.67 -15.13 14.54
C GLU C 86 15.53 -16.19 15.64
N ARG C 87 14.31 -16.35 16.14
CA ARG C 87 13.99 -17.15 17.34
C ARG C 87 13.18 -18.37 16.95
N ARG D 5 1.13 17.75 -20.43
CA ARG D 5 0.07 18.07 -19.49
C ARG D 5 -0.24 16.87 -18.59
N VAL D 6 -0.50 15.73 -19.20
CA VAL D 6 -0.60 14.46 -18.46
C VAL D 6 0.81 13.97 -18.12
N GLN D 7 1.19 14.24 -16.87
CA GLN D 7 2.50 13.87 -16.36
C GLN D 7 2.50 12.46 -15.76
N GLU D 8 1.33 12.01 -15.28
CA GLU D 8 1.16 10.69 -14.65
C GLU D 8 -0.29 10.25 -14.90
N GLU D 9 -0.48 9.03 -15.37
CA GLU D 9 -1.83 8.51 -15.48
C GLU D 9 -2.24 8.08 -14.06
N LEU D 10 -3.40 8.54 -13.62
CA LEU D 10 -3.83 8.41 -12.21
C LEU D 10 -4.94 7.38 -12.00
N CYS D 11 -4.78 6.57 -10.95
CA CYS D 11 -5.81 5.64 -10.56
C CYS D 11 -6.99 6.48 -10.05
N LEU D 12 -8.15 6.30 -10.67
CA LEU D 12 -9.36 7.01 -10.27
C LEU D 12 -9.81 6.69 -8.85
N VAL D 13 -9.38 5.54 -8.30
CA VAL D 13 -9.76 5.18 -6.96
C VAL D 13 -8.85 5.87 -5.94
N CYS D 14 -7.53 5.68 -6.07
CA CYS D 14 -6.65 6.04 -4.99
C CYS D 14 -5.58 7.04 -5.34
N GLY D 15 -5.47 7.41 -6.61
CA GLY D 15 -4.51 8.40 -7.07
C GLY D 15 -3.06 7.93 -7.25
N ASP D 16 -2.79 6.65 -7.01
CA ASP D 16 -1.50 6.01 -7.37
C ASP D 16 -1.36 6.04 -8.90
N ARG D 17 -0.22 5.62 -9.40
CA ARG D 17 -0.02 5.55 -10.82
C ARG D 17 -0.86 4.42 -11.43
N ALA D 18 -1.69 4.76 -12.43
CA ALA D 18 -2.53 3.76 -13.11
C ALA D 18 -1.72 2.95 -14.09
N SER D 19 -2.01 1.65 -14.19
CA SER D 19 -1.32 0.79 -15.12
C SER D 19 -2.09 0.54 -16.40
N GLY D 20 -3.35 0.98 -16.47
CA GLY D 20 -4.26 0.63 -17.55
C GLY D 20 -5.73 0.69 -17.13
N TYR D 21 -6.63 0.38 -18.06
CA TYR D 21 -8.06 0.30 -17.80
C TYR D 21 -8.34 -1.10 -17.39
N HIS D 22 -8.92 -1.27 -16.19
CA HIS D 22 -9.24 -2.57 -15.63
C HIS D 22 -10.72 -2.58 -15.27
N TYR D 23 -11.44 -3.53 -15.88
CA TYR D 23 -12.86 -3.69 -15.66
C TYR D 23 -13.57 -2.36 -15.92
N ASN D 24 -13.10 -1.70 -16.98
CA ASN D 24 -13.60 -0.42 -17.48
C ASN D 24 -13.24 0.85 -16.71
N ALA D 25 -12.22 0.85 -15.85
CA ALA D 25 -11.79 2.12 -15.21
C ALA D 25 -10.29 2.22 -15.16
N LEU D 26 -9.78 3.44 -15.36
CA LEU D 26 -8.35 3.74 -15.21
C LEU D 26 -7.93 3.51 -13.76
N THR D 27 -7.10 2.50 -13.51
CA THR D 27 -6.78 2.11 -12.15
C THR D 27 -5.36 1.57 -12.00
N CYS D 28 -4.88 1.56 -10.79
CA CYS D 28 -3.57 0.98 -10.49
C CYS D 28 -3.70 -0.53 -10.34
N GLU D 29 -2.54 -1.21 -10.28
CA GLU D 29 -2.50 -2.65 -10.07
C GLU D 29 -3.07 -3.06 -8.74
N GLY D 30 -2.84 -2.27 -7.69
CA GLY D 30 -3.43 -2.54 -6.39
C GLY D 30 -4.96 -2.60 -6.45
N CYS D 31 -5.55 -1.54 -7.01
CA CYS D 31 -7.03 -1.44 -7.06
C CYS D 31 -7.65 -2.52 -8.00
N LYS D 32 -7.00 -2.79 -9.11
CA LYS D 32 -7.36 -3.88 -9.99
C LYS D 32 -7.47 -5.22 -9.23
N GLY D 33 -6.44 -5.57 -8.47
CA GLY D 33 -6.37 -6.84 -7.75
C GLY D 33 -7.34 -6.87 -6.57
N PHE D 34 -7.42 -5.77 -5.88
CA PHE D 34 -8.37 -5.64 -4.78
C PHE D 34 -9.78 -5.82 -5.28
N PHE D 35 -10.10 -5.20 -6.40
CA PHE D 35 -11.44 -5.28 -6.97
C PHE D 35 -11.76 -6.72 -7.44
N ARG D 36 -10.86 -7.27 -8.23
CA ARG D 36 -10.97 -8.67 -8.66
C ARG D 36 -11.19 -9.60 -7.46
N ARG D 37 -10.35 -9.53 -6.44
CA ARG D 37 -10.47 -10.45 -5.29
C ARG D 37 -11.78 -10.21 -4.52
N SER D 38 -12.15 -8.95 -4.36
CA SER D 38 -13.39 -8.61 -3.66
C SER D 38 -14.59 -9.23 -4.39
N VAL D 39 -14.55 -9.12 -5.70
CA VAL D 39 -15.66 -9.58 -6.53
C VAL D 39 -15.66 -11.11 -6.60
N THR D 40 -14.50 -11.74 -6.81
CA THR D 40 -14.55 -13.19 -6.91
C THR D 40 -14.98 -13.86 -5.60
N LYS D 41 -14.67 -13.26 -4.45
CA LYS D 41 -15.12 -13.75 -3.14
C LYS D 41 -16.49 -13.21 -2.68
N SER D 42 -17.11 -12.35 -3.46
CA SER D 42 -18.34 -11.69 -3.05
C SER D 42 -18.23 -11.10 -1.64
N ALA D 43 -17.08 -10.48 -1.33
CA ALA D 43 -16.80 -9.95 -0.03
C ALA D 43 -17.76 -8.84 0.35
N VAL D 44 -18.14 -8.84 1.62
CA VAL D 44 -18.92 -7.73 2.18
C VAL D 44 -18.03 -7.15 3.29
N TYR D 45 -17.69 -5.89 3.16
CA TYR D 45 -16.82 -5.22 4.11
C TYR D 45 -17.65 -4.30 5.02
N CYS D 46 -17.07 -3.89 6.14
CA CYS D 46 -17.73 -3.04 7.14
C CYS D 46 -16.71 -2.00 7.60
N CYS D 47 -16.91 -0.77 7.19
CA CYS D 47 -16.03 0.36 7.55
C CYS D 47 -16.08 0.59 9.06
N LYS D 48 -14.90 0.59 9.70
CA LYS D 48 -14.81 0.84 11.14
C LYS D 48 -14.49 2.29 11.45
N PHE D 49 -14.79 3.18 10.51
CA PHE D 49 -14.67 4.62 10.71
C PHE D 49 -16.09 5.20 10.54
N GLY D 50 -16.27 6.23 9.71
CA GLY D 50 -17.58 6.87 9.51
C GLY D 50 -18.32 6.66 8.20
N ARG D 51 -17.95 5.60 7.48
CA ARG D 51 -18.63 5.23 6.25
C ARG D 51 -18.41 6.26 5.14
N ALA D 52 -17.27 6.95 5.18
CA ALA D 52 -17.03 8.03 4.24
C ALA D 52 -15.55 8.42 4.11
N CYS D 53 -14.68 7.42 4.04
CA CYS D 53 -13.24 7.64 3.93
C CYS D 53 -12.85 8.16 2.54
N GLU D 54 -12.01 9.18 2.50
CA GLU D 54 -11.41 9.57 1.22
C GLU D 54 -10.27 8.61 0.89
N MET D 55 -10.29 8.08 -0.33
CA MET D 55 -9.32 7.09 -0.76
C MET D 55 -8.02 7.74 -1.23
N ASP D 56 -6.90 7.23 -0.72
CA ASP D 56 -5.59 7.58 -1.18
C ASP D 56 -4.73 6.40 -0.93
N MET D 57 -3.42 6.58 -1.10
CA MET D 57 -2.52 5.45 -0.98
C MET D 57 -2.41 4.87 0.45
N TYR D 58 -2.70 5.70 1.45
CA TYR D 58 -2.69 5.24 2.84
C TYR D 58 -4.00 4.58 3.19
N MET D 59 -5.24 5.31 2.91
CA MET D 59 -6.59 4.89 3.29
C MET D 59 -7.04 3.73 2.42
N ARG D 60 -6.37 3.37 1.28
CA ARG D 60 -6.76 2.21 0.50
C ARG D 60 -6.47 0.91 1.24
N ARG D 61 -5.45 0.83 2.08
CA ARG D 61 -5.22 -0.41 2.79
C ARG D 61 -5.95 -0.43 4.11
N LYS D 62 -6.49 0.69 4.56
CA LYS D 62 -7.14 0.80 5.87
C LYS D 62 -8.64 0.59 5.82
N CYS D 63 -9.31 0.94 4.71
CA CYS D 63 -10.76 0.77 4.62
C CYS D 63 -11.21 0.07 3.34
N GLN D 64 -11.40 -1.25 3.42
CA GLN D 64 -11.84 -2.04 2.27
C GLN D 64 -13.25 -1.66 1.82
N GLU D 65 -14.13 -1.36 2.77
CA GLU D 65 -15.48 -0.99 2.38
C GLU D 65 -15.49 0.21 1.51
N CYS D 66 -14.80 1.26 1.94
CA CYS D 66 -14.83 2.51 1.18
C CYS D 66 -14.04 2.38 -0.12
N ARG D 67 -12.94 1.61 -0.15
CA ARG D 67 -12.24 1.32 -1.38
C ARG D 67 -13.10 0.61 -2.41
N LEU D 68 -13.83 -0.42 -2.00
CA LEU D 68 -14.70 -1.13 -2.96
C LEU D 68 -15.83 -0.21 -3.45
N LYS D 69 -16.43 0.53 -2.53
CA LYS D 69 -17.42 1.56 -2.92
C LYS D 69 -16.87 2.52 -3.95
N LYS D 70 -15.63 2.97 -3.80
CA LYS D 70 -15.01 3.87 -4.77
C LYS D 70 -14.74 3.19 -6.09
N CYS D 71 -14.24 1.93 -6.05
CA CYS D 71 -14.00 1.16 -7.28
C CYS D 71 -15.27 1.19 -8.12
N LEU D 72 -16.37 0.86 -7.50
CA LEU D 72 -17.64 0.76 -8.21
C LEU D 72 -18.13 2.15 -8.71
N ALA D 73 -17.95 3.19 -7.88
CA ALA D 73 -18.38 4.53 -8.19
C ALA D 73 -17.62 5.12 -9.37
N VAL D 74 -16.40 4.68 -9.58
CA VAL D 74 -15.55 5.12 -10.67
C VAL D 74 -15.79 4.28 -11.95
N GLY D 75 -16.67 3.28 -11.86
CA GLY D 75 -17.14 2.54 -13.02
C GLY D 75 -16.52 1.16 -13.22
N MET D 76 -15.83 0.62 -12.22
CA MET D 76 -15.37 -0.76 -12.30
C MET D 76 -16.54 -1.75 -12.41
N ARG D 77 -16.52 -2.63 -13.41
CA ARG D 77 -17.70 -3.43 -13.71
C ARG D 77 -17.56 -4.84 -13.14
N PRO D 78 -18.29 -5.19 -12.08
CA PRO D 78 -18.09 -6.48 -11.41
C PRO D 78 -18.54 -7.67 -12.28
N GLU D 79 -19.49 -7.44 -13.15
CA GLU D 79 -19.91 -8.49 -14.11
C GLU D 79 -18.81 -8.86 -15.11
N CYS D 80 -17.77 -8.05 -15.21
CA CYS D 80 -16.63 -8.35 -16.06
C CYS D 80 -15.52 -9.10 -15.36
N VAL D 81 -15.67 -9.41 -14.07
CA VAL D 81 -14.66 -10.19 -13.38
C VAL D 81 -15.08 -11.67 -13.57
N VAL D 82 -14.23 -12.46 -14.22
CA VAL D 82 -14.51 -13.88 -14.44
C VAL D 82 -16.01 -14.12 -14.81
N PRO D 83 -16.43 -13.60 -15.96
CA PRO D 83 -17.78 -13.84 -16.43
C PRO D 83 -17.81 -15.28 -16.96
N GLU D 84 -18.98 -15.73 -17.37
CA GLU D 84 -19.19 -17.09 -17.81
C GLU D 84 -19.00 -17.17 -19.34
N ASN D 85 -17.75 -16.98 -19.74
CA ASN D 85 -17.28 -17.16 -21.13
C ASN D 85 -16.59 -18.52 -21.31
N GLN D 86 -16.13 -18.83 -22.52
CA GLN D 86 -15.52 -20.13 -22.78
C GLN D 86 -14.27 -20.31 -21.92
N CYS D 87 -13.46 -19.26 -21.87
CA CYS D 87 -12.24 -19.21 -21.03
C CYS D 87 -12.37 -19.58 -19.56
N ALA D 88 -13.56 -19.40 -18.96
CA ALA D 88 -13.79 -19.73 -17.54
C ALA D 88 -14.24 -21.18 -17.37
N MET D 89 -15.03 -21.65 -18.32
CA MET D 89 -15.44 -23.06 -18.37
C MET D 89 -14.17 -23.95 -18.49
N LYS D 90 -13.15 -23.45 -19.18
CA LYS D 90 -11.78 -23.90 -18.96
C LYS D 90 -11.51 -24.17 -17.49
N ARG D 91 -11.10 -23.12 -16.77
CA ARG D 91 -10.20 -23.28 -15.64
C ARG D 91 -10.79 -24.22 -14.59
#